data_2XKD
#
_entry.id   2XKD
#
_cell.length_a   100.280
_cell.length_b   57.060
_cell.length_c   73.760
_cell.angle_alpha   90.00
_cell.angle_beta   127.61
_cell.angle_gamma   90.00
#
_symmetry.space_group_name_H-M   'C 1 2 1'
#
loop_
_entity.id
_entity.type
_entity.pdbx_description
1 polymer 'SERINE/THREONINE-PROTEIN KINASE NEK2'
2 non-polymer '4-[3-amino-6-(3,4,5-trimethoxyphenyl)pyrazin-2-yl]benzoic acid'
3 non-polymer 'CHLORIDE ION'
4 water water
#
_entity_poly.entity_id   1
_entity_poly.type   'polypeptide(L)'
_entity_poly.pdbx_seq_one_letter_code
;MPSRAEDYEVLYTIGTGSYGRCQKIRRKSDGKILVWKELDYGSMTEAEKQMLVSEVNLLRELKHPNIVRYYDRIIDRTNT
TLYIVMEYCEGGDLASVITKGTKERQYLDEEFVLRVMTQLTLALKECHRRSDGGHTVLHRDLKPANVFLDGKQNVKLGDF
GLARILNHDTSFAKTFVGTPYYMSPEQMNRMSYNEKSDIWSLGCLLYELCALMPPFTAFSQKELAGKIREGKFRRIPYRY
SDELNEIITRMLNLKDYHRPSVEEILENPLILEHHHHHH
;
_entity_poly.pdbx_strand_id   A
#
loop_
_chem_comp.id
_chem_comp.type
_chem_comp.name
_chem_comp.formula
CL non-polymer 'CHLORIDE ION' 'Cl -1'
T3M non-polymer '4-[3-amino-6-(3,4,5-trimethoxyphenyl)pyrazin-2-yl]benzoic acid' 'C20 H19 N3 O5'
#
# COMPACT_ATOMS: atom_id res chain seq x y z
N SER A 3 22.09 1.50 -15.36
CA SER A 3 21.96 1.75 -16.79
C SER A 3 21.54 3.20 -17.07
N ARG A 4 21.45 3.58 -18.34
CA ARG A 4 21.02 4.92 -18.70
C ARG A 4 19.65 4.95 -19.40
N ALA A 5 19.03 6.11 -19.41
CA ALA A 5 17.68 6.28 -19.94
C ALA A 5 17.52 5.76 -21.38
N GLU A 6 18.57 5.87 -22.18
CA GLU A 6 18.52 5.44 -23.58
C GLU A 6 18.33 3.92 -23.71
N ASP A 7 18.60 3.20 -22.62
CA ASP A 7 18.41 1.75 -22.61
C ASP A 7 16.93 1.38 -22.64
N TYR A 8 16.07 2.39 -22.45
CA TYR A 8 14.64 2.15 -22.35
C TYR A 8 13.86 3.06 -23.28
N GLU A 9 12.69 2.60 -23.72
CA GLU A 9 11.81 3.43 -24.51
C GLU A 9 10.50 3.69 -23.78
N VAL A 10 10.18 4.96 -23.56
CA VAL A 10 8.90 5.32 -22.93
C VAL A 10 7.74 4.99 -23.87
N LEU A 11 6.78 4.22 -23.35
CA LEU A 11 5.60 3.85 -24.12
C LEU A 11 4.51 4.90 -23.89
N TYR A 12 4.16 5.13 -22.63
CA TYR A 12 3.23 6.19 -22.28
C TYR A 12 3.19 6.42 -20.77
N THR A 13 2.60 7.54 -20.39
CA THR A 13 2.52 7.96 -19.01
C THR A 13 1.33 7.27 -18.34
N ILE A 14 1.56 6.76 -17.14
CA ILE A 14 0.50 6.13 -16.37
C ILE A 14 -0.15 7.16 -15.45
N GLY A 15 0.66 7.79 -14.60
CA GLY A 15 0.16 8.79 -13.68
C GLY A 15 1.12 9.94 -13.44
N THR A 16 0.58 11.15 -13.28
CA THR A 16 1.41 12.32 -13.04
C THR A 16 1.14 12.87 -11.64
N GLY A 20 6.17 13.06 -8.60
CA GLY A 20 6.69 13.07 -9.95
C GLY A 20 5.74 12.47 -10.98
N ARG A 21 6.30 11.76 -11.96
CA ARG A 21 5.52 11.14 -13.02
C ARG A 21 5.91 9.67 -13.24
N CYS A 22 4.92 8.79 -13.35
CA CYS A 22 5.18 7.37 -13.61
C CYS A 22 4.85 6.97 -15.06
N GLN A 23 5.77 6.27 -15.70
CA GLN A 23 5.58 5.89 -17.08
C GLN A 23 5.82 4.41 -17.32
N LYS A 24 5.05 3.82 -18.21
CA LYS A 24 5.30 2.47 -18.64
C LYS A 24 6.41 2.52 -19.68
N ILE A 25 7.38 1.64 -19.53
CA ILE A 25 8.56 1.66 -20.39
C ILE A 25 8.91 0.26 -20.87
N ARG A 26 9.70 0.21 -21.93
CA ARG A 26 10.19 -1.06 -22.45
C ARG A 26 11.71 -1.07 -22.49
N ARG A 27 12.31 -2.06 -21.84
CA ARG A 27 13.76 -2.25 -21.86
C ARG A 27 14.13 -2.83 -23.22
N LYS A 28 14.94 -2.09 -23.98
CA LYS A 28 15.31 -2.47 -25.34
C LYS A 28 16.06 -3.81 -25.47
N SER A 29 16.94 -4.09 -24.51
CA SER A 29 17.75 -5.31 -24.57
C SER A 29 16.91 -6.59 -24.77
N ASP A 30 15.79 -6.68 -24.06
CA ASP A 30 14.96 -7.87 -24.11
C ASP A 30 13.46 -7.59 -24.28
N GLY A 31 13.11 -6.30 -24.46
CA GLY A 31 11.73 -5.90 -24.62
C GLY A 31 10.89 -6.02 -23.35
N LYS A 32 11.53 -6.12 -22.20
CA LYS A 32 10.78 -6.33 -20.95
C LYS A 32 10.02 -5.07 -20.57
N ILE A 33 8.75 -5.27 -20.22
CA ILE A 33 7.86 -4.19 -19.80
C ILE A 33 8.06 -3.85 -18.33
N LEU A 34 8.38 -2.58 -18.08
CA LEU A 34 8.69 -2.09 -16.76
C LEU A 34 7.95 -0.78 -16.53
N VAL A 35 8.24 -0.13 -15.41
CA VAL A 35 7.72 1.18 -15.11
C VAL A 35 8.87 1.99 -14.58
N TRP A 36 8.88 3.30 -14.83
CA TRP A 36 9.74 4.15 -14.03
C TRP A 36 9.01 5.34 -13.46
N LYS A 37 9.53 5.82 -12.33
CA LYS A 37 9.02 7.00 -11.67
C LYS A 37 10.12 8.03 -11.82
N GLU A 38 9.76 9.23 -12.26
CA GLU A 38 10.77 10.27 -12.42
C GLU A 38 10.72 11.30 -11.30
N LEU A 39 11.88 11.57 -10.74
CA LEU A 39 12.04 12.56 -9.68
C LEU A 39 12.96 13.66 -10.20
N ASP A 40 12.46 14.90 -10.17
CA ASP A 40 13.26 16.04 -10.57
C ASP A 40 14.00 16.59 -9.37
N TYR A 41 15.31 16.36 -9.30
CA TYR A 41 16.10 16.78 -8.15
C TYR A 41 16.74 18.15 -8.35
N GLY A 42 16.31 18.86 -9.39
CA GLY A 42 16.91 20.14 -9.76
C GLY A 42 16.80 21.24 -8.73
N SER A 43 15.80 21.16 -7.85
CA SER A 43 15.63 22.19 -6.83
C SER A 43 16.09 21.71 -5.46
N MET A 44 16.71 20.55 -5.41
CA MET A 44 17.16 19.98 -4.15
C MET A 44 18.53 20.47 -3.72
N THR A 45 18.73 20.53 -2.41
CA THR A 45 20.04 20.85 -1.85
C THR A 45 20.89 19.59 -1.82
N GLU A 46 22.19 19.76 -1.56
CA GLU A 46 23.09 18.63 -1.41
C GLU A 46 22.59 17.72 -0.29
N ALA A 47 21.98 18.31 0.74
CA ALA A 47 21.48 17.56 1.88
C ALA A 47 20.27 16.71 1.51
N GLU A 48 19.43 17.24 0.62
CA GLU A 48 18.24 16.53 0.17
C GLU A 48 18.61 15.43 -0.83
N LYS A 49 19.61 15.67 -1.66
CA LYS A 49 20.09 14.65 -2.58
C LYS A 49 20.76 13.49 -1.87
N GLN A 50 21.45 13.79 -0.77
CA GLN A 50 22.12 12.75 0.01
C GLN A 50 21.10 11.86 0.72
N MET A 51 20.03 12.47 1.20
CA MET A 51 18.91 11.74 1.78
C MET A 51 18.24 10.90 0.70
N LEU A 52 18.01 11.51 -0.46
CA LEU A 52 17.39 10.81 -1.58
C LEU A 52 18.17 9.55 -1.97
N VAL A 53 19.49 9.70 -2.15
CA VAL A 53 20.36 8.59 -2.52
C VAL A 53 20.25 7.42 -1.54
N SER A 54 20.29 7.73 -0.25
CA SER A 54 20.22 6.71 0.77
C SER A 54 18.87 5.98 0.77
N GLU A 55 17.80 6.72 0.49
CA GLU A 55 16.46 6.14 0.44
C GLU A 55 16.29 5.23 -0.78
N VAL A 56 16.82 5.67 -1.92
CA VAL A 56 16.78 4.84 -3.12
C VAL A 56 17.59 3.56 -2.91
N ASN A 57 18.72 3.68 -2.21
CA ASN A 57 19.57 2.54 -1.92
C ASN A 57 18.87 1.49 -1.06
N LEU A 58 18.22 1.94 0.01
CA LEU A 58 17.44 1.05 0.85
C LEU A 58 16.31 0.41 0.05
N LEU A 59 15.71 1.19 -0.85
CA LEU A 59 14.64 0.70 -1.71
C LEU A 59 15.11 -0.49 -2.54
N ARG A 60 16.36 -0.44 -2.98
CA ARG A 60 16.91 -1.47 -3.85
C ARG A 60 17.17 -2.79 -3.11
N GLU A 61 17.23 -2.72 -1.77
CA GLU A 61 17.52 -3.89 -0.96
C GLU A 61 16.30 -4.75 -0.65
N LEU A 62 15.11 -4.22 -0.87
CA LEU A 62 13.86 -4.92 -0.57
C LEU A 62 13.46 -5.90 -1.67
N LYS A 63 13.72 -7.19 -1.45
CA LYS A 63 13.27 -8.22 -2.38
C LYS A 63 12.26 -9.12 -1.70
N HIS A 64 11.00 -8.98 -2.09
CA HIS A 64 9.91 -9.78 -1.51
C HIS A 64 8.81 -9.89 -2.56
N PRO A 65 8.15 -11.05 -2.64
CA PRO A 65 7.12 -11.27 -3.67
C PRO A 65 5.98 -10.28 -3.51
N ASN A 66 5.78 -9.76 -2.31
CA ASN A 66 4.66 -8.86 -2.06
C ASN A 66 5.05 -7.41 -1.84
N ILE A 67 6.25 -7.06 -2.31
CA ILE A 67 6.70 -5.68 -2.33
C ILE A 67 7.10 -5.34 -3.77
N VAL A 68 6.61 -4.22 -4.28
CA VAL A 68 6.96 -3.79 -5.62
C VAL A 68 8.51 -3.86 -5.76
N ARG A 69 8.98 -4.55 -6.78
CA ARG A 69 10.42 -4.72 -6.97
C ARG A 69 11.07 -3.51 -7.66
N TYR A 70 12.08 -2.92 -7.03
CA TYR A 70 12.77 -1.76 -7.60
C TYR A 70 14.11 -2.18 -8.20
N TYR A 71 14.19 -2.12 -9.53
CA TYR A 71 15.28 -2.72 -10.30
C TYR A 71 16.52 -1.86 -10.47
N ASP A 72 16.33 -0.56 -10.65
CA ASP A 72 17.45 0.28 -11.09
C ASP A 72 17.18 1.74 -10.75
N ARG A 73 18.21 2.55 -10.86
CA ARG A 73 18.06 3.98 -10.70
C ARG A 73 18.95 4.61 -11.76
N ILE A 74 18.38 5.52 -12.53
CA ILE A 74 19.11 6.14 -13.63
C ILE A 74 19.27 7.63 -13.38
N ILE A 75 20.46 8.16 -13.66
CA ILE A 75 20.69 9.58 -13.55
C ILE A 75 20.80 10.22 -14.94
N ASP A 76 20.00 11.26 -15.17
CA ASP A 76 20.11 12.02 -16.40
C ASP A 76 20.40 13.48 -16.05
N ARG A 77 21.68 13.79 -15.89
CA ARG A 77 22.12 15.12 -15.45
C ARG A 77 21.60 16.26 -16.33
N THR A 78 21.20 15.93 -17.56
CA THR A 78 20.65 16.91 -18.49
C THR A 78 19.34 17.49 -17.98
N ASN A 79 18.42 16.61 -17.61
CA ASN A 79 17.10 17.01 -17.15
C ASN A 79 17.06 17.15 -15.63
N THR A 80 18.21 16.91 -15.00
CA THR A 80 18.29 16.76 -13.55
C THR A 80 17.13 15.88 -13.10
N THR A 81 17.04 14.69 -13.70
CA THR A 81 15.97 13.75 -13.36
C THR A 81 16.54 12.40 -12.91
N LEU A 82 15.99 11.88 -11.82
CA LEU A 82 16.32 10.55 -11.33
C LEU A 82 15.17 9.60 -11.67
N TYR A 83 15.48 8.51 -12.37
CA TYR A 83 14.47 7.53 -12.76
C TYR A 83 14.60 6.28 -11.91
N ILE A 84 13.51 5.89 -11.27
CA ILE A 84 13.52 4.66 -10.49
C ILE A 84 12.74 3.61 -11.27
N VAL A 85 13.45 2.58 -11.71
CA VAL A 85 12.86 1.54 -12.55
C VAL A 85 12.34 0.41 -11.66
N MET A 86 11.10 -0.02 -11.91
CA MET A 86 10.46 -1.01 -11.08
C MET A 86 9.58 -1.92 -11.94
N GLU A 87 9.12 -3.02 -11.37
CA GLU A 87 8.22 -3.93 -12.09
C GLU A 87 6.90 -3.25 -12.42
N TYR A 88 6.26 -3.72 -13.49
CA TYR A 88 4.96 -3.20 -13.89
C TYR A 88 3.86 -4.04 -13.28
N CYS A 89 2.88 -3.39 -12.64
CA CYS A 89 1.75 -4.08 -12.05
C CYS A 89 0.51 -3.80 -12.89
N GLU A 90 0.19 -4.72 -13.79
CA GLU A 90 -0.81 -4.42 -14.82
C GLU A 90 -2.21 -4.17 -14.21
N GLY A 91 -2.40 -4.54 -12.95
CA GLY A 91 -3.71 -4.44 -12.34
C GLY A 91 -3.98 -3.08 -11.73
N GLY A 92 -2.98 -2.20 -11.74
CA GLY A 92 -3.17 -0.88 -11.16
C GLY A 92 -3.17 -0.89 -9.64
N ASP A 93 -3.79 0.10 -9.02
CA ASP A 93 -3.79 0.16 -7.56
C ASP A 93 -5.12 -0.20 -6.94
N LEU A 94 -5.12 -0.39 -5.63
CA LEU A 94 -6.30 -0.84 -4.94
C LEU A 94 -7.31 0.29 -4.83
N ALA A 95 -6.82 1.52 -4.84
CA ALA A 95 -7.71 2.67 -4.82
C ALA A 95 -8.67 2.67 -6.02
N SER A 96 -8.17 2.29 -7.19
CA SER A 96 -9.00 2.27 -8.41
C SER A 96 -9.98 1.10 -8.40
N VAL A 97 -9.60 0.01 -7.75
CA VAL A 97 -10.50 -1.14 -7.62
C VAL A 97 -11.69 -0.77 -6.73
N ILE A 98 -11.41 -0.08 -5.63
CA ILE A 98 -12.46 0.35 -4.70
C ILE A 98 -13.39 1.37 -5.34
N THR A 99 -12.80 2.27 -6.12
CA THR A 99 -13.59 3.27 -6.82
C THR A 99 -14.51 2.57 -7.83
N LYS A 100 -13.95 1.59 -8.52
CA LYS A 100 -14.69 0.78 -9.49
C LYS A 100 -15.90 0.08 -8.89
N GLY A 101 -15.76 -0.44 -7.67
CA GLY A 101 -16.86 -1.10 -7.00
C GLY A 101 -17.92 -0.13 -6.51
N THR A 102 -17.48 1.01 -5.99
CA THR A 102 -18.40 2.04 -5.52
C THR A 102 -19.38 2.42 -6.62
N LYS A 103 -18.87 2.55 -7.83
CA LYS A 103 -19.66 3.03 -8.96
C LYS A 103 -20.41 1.93 -9.70
N GLU A 104 -20.03 0.67 -9.45
CA GLU A 104 -20.72 -0.46 -10.06
C GLU A 104 -21.78 -1.01 -9.13
N ARG A 105 -21.86 -0.43 -7.92
CA ARG A 105 -22.71 -0.98 -6.86
C ARG A 105 -22.39 -2.46 -6.76
N GLN A 106 -21.11 -2.77 -6.64
CA GLN A 106 -20.64 -4.14 -6.74
C GLN A 106 -19.49 -4.44 -5.79
N TYR A 107 -19.80 -5.21 -4.74
CA TYR A 107 -18.81 -5.58 -3.73
C TYR A 107 -17.79 -6.58 -4.29
N LEU A 108 -16.60 -6.57 -3.70
CA LEU A 108 -15.52 -7.44 -4.14
C LEU A 108 -15.65 -8.82 -3.49
N ASP A 109 -15.18 -9.86 -4.18
CA ASP A 109 -15.28 -11.24 -3.67
C ASP A 109 -14.53 -11.41 -2.36
N GLU A 110 -15.07 -12.19 -1.44
CA GLU A 110 -14.35 -12.46 -0.19
C GLU A 110 -12.96 -13.05 -0.50
N GLU A 111 -12.86 -13.85 -1.54
CA GLU A 111 -11.57 -14.46 -1.93
C GLU A 111 -10.52 -13.41 -2.26
N PHE A 112 -10.93 -12.34 -2.92
CA PHE A 112 -10.00 -11.26 -3.21
C PHE A 112 -9.56 -10.56 -1.93
N VAL A 113 -10.50 -10.31 -1.02
CA VAL A 113 -10.14 -9.64 0.22
C VAL A 113 -9.14 -10.50 1.03
N LEU A 114 -9.33 -11.81 0.98
CA LEU A 114 -8.42 -12.74 1.67
C LEU A 114 -7.03 -12.76 1.02
N ARG A 115 -6.98 -12.69 -0.30
CA ARG A 115 -5.68 -12.48 -0.98
C ARG A 115 -4.95 -11.24 -0.50
N VAL A 116 -5.64 -10.10 -0.50
CA VAL A 116 -5.06 -8.84 -0.04
C VAL A 116 -4.64 -8.91 1.43
N MET A 117 -5.49 -9.48 2.29
CA MET A 117 -5.11 -9.64 3.68
C MET A 117 -3.82 -10.48 3.86
N THR A 118 -3.82 -11.63 3.23
CA THR A 118 -2.68 -12.56 3.32
C THR A 118 -1.40 -11.91 2.78
N GLN A 119 -1.47 -11.39 1.57
CA GLN A 119 -0.27 -10.89 0.93
C GLN A 119 0.25 -9.59 1.54
N LEU A 120 -0.65 -8.70 1.96
CA LEU A 120 -0.20 -7.47 2.62
C LEU A 120 0.35 -7.75 4.02
N THR A 121 -0.18 -8.77 4.68
CA THR A 121 0.33 -9.11 5.99
C THR A 121 1.75 -9.64 5.84
N LEU A 122 1.97 -10.42 4.80
CA LEU A 122 3.31 -10.89 4.49
C LEU A 122 4.26 -9.73 4.16
N ALA A 123 3.77 -8.77 3.38
CA ALA A 123 4.57 -7.57 3.11
C ALA A 123 4.95 -6.83 4.40
N LEU A 124 3.97 -6.63 5.29
CA LEU A 124 4.24 -5.99 6.58
C LEU A 124 5.27 -6.76 7.40
N LYS A 125 5.13 -8.08 7.42
CA LYS A 125 6.07 -8.94 8.12
C LYS A 125 7.50 -8.69 7.65
N GLU A 126 7.68 -8.53 6.34
CA GLU A 126 9.01 -8.26 5.78
C GLU A 126 9.49 -6.86 6.16
N CYS A 127 8.60 -5.87 6.11
CA CYS A 127 8.96 -4.51 6.53
C CYS A 127 9.38 -4.46 8.00
N HIS A 128 8.65 -5.16 8.87
CA HIS A 128 8.99 -5.19 10.28
C HIS A 128 10.34 -5.88 10.53
N ARG A 129 10.62 -6.93 9.77
CA ARG A 129 11.91 -7.63 9.89
C ARG A 129 13.07 -6.70 9.58
N ARG A 130 12.90 -5.88 8.56
CA ARG A 130 13.95 -4.97 8.10
C ARG A 130 14.23 -3.85 9.11
N SER A 131 13.31 -3.66 10.05
CA SER A 131 13.48 -2.63 11.08
C SER A 131 14.16 -3.20 12.31
N ASP A 141 3.15 3.60 5.32
CA ASP A 141 2.29 4.24 4.33
C ASP A 141 1.33 3.24 3.71
N LEU A 142 0.55 2.57 4.57
CA LEU A 142 -0.38 1.55 4.12
C LEU A 142 -1.73 2.16 3.80
N LYS A 143 -2.00 2.32 2.51
CA LYS A 143 -3.28 2.82 2.04
C LYS A 143 -3.54 2.31 0.62
N PRO A 144 -4.78 2.43 0.15
CA PRO A 144 -5.10 1.78 -1.13
C PRO A 144 -4.26 2.24 -2.32
N ALA A 145 -3.95 3.54 -2.39
CA ALA A 145 -3.15 4.04 -3.51
C ALA A 145 -1.72 3.50 -3.53
N ASN A 146 -1.31 2.85 -2.44
CA ASN A 146 0.06 2.29 -2.34
C ASN A 146 0.10 0.78 -2.42
N VAL A 147 -1.01 0.19 -2.85
CA VAL A 147 -1.09 -1.27 -2.97
C VAL A 147 -1.41 -1.62 -4.41
N PHE A 148 -0.56 -2.44 -5.02
CA PHE A 148 -0.65 -2.70 -6.45
C PHE A 148 -0.96 -4.16 -6.76
N LEU A 149 -1.58 -4.39 -7.92
CA LEU A 149 -1.99 -5.71 -8.34
C LEU A 149 -1.28 -6.07 -9.65
N ASP A 150 -0.68 -7.26 -9.71
CA ASP A 150 -0.03 -7.69 -10.95
C ASP A 150 -1.01 -8.51 -11.77
N GLY A 151 -0.52 -9.22 -12.78
CA GLY A 151 -1.41 -9.96 -13.66
C GLY A 151 -1.66 -11.40 -13.22
N LYS A 152 -1.19 -11.76 -12.03
CA LYS A 152 -1.31 -13.14 -11.61
C LYS A 152 -1.96 -13.25 -10.24
N GLN A 153 -2.79 -12.26 -9.92
CA GLN A 153 -3.54 -12.21 -8.67
C GLN A 153 -2.67 -11.92 -7.46
N ASN A 154 -1.49 -11.34 -7.71
CA ASN A 154 -0.58 -11.03 -6.61
C ASN A 154 -0.79 -9.62 -6.13
N VAL A 155 -0.55 -9.41 -4.85
CA VAL A 155 -0.77 -8.10 -4.24
C VAL A 155 0.56 -7.56 -3.77
N LYS A 156 0.90 -6.33 -4.15
CA LYS A 156 2.21 -5.79 -3.79
C LYS A 156 2.18 -4.38 -3.19
N LEU A 157 2.91 -4.20 -2.11
CA LEU A 157 3.07 -2.91 -1.45
C LEU A 157 4.15 -2.09 -2.16
N GLY A 158 3.82 -0.87 -2.52
CA GLY A 158 4.78 -0.01 -3.20
C GLY A 158 5.10 1.25 -2.43
N ASP A 159 5.58 2.26 -3.15
CA ASP A 159 5.66 3.65 -2.66
C ASP A 159 6.16 3.79 -1.22
N PHE A 160 7.47 3.65 -1.03
CA PHE A 160 8.07 3.94 0.26
C PHE A 160 8.79 5.28 0.20
N THR A 175 0.03 15.53 2.46
CA THR A 175 0.31 15.85 3.85
C THR A 175 -0.77 16.78 4.42
N PHE A 176 -1.38 17.56 3.54
CA PHE A 176 -2.44 18.48 3.93
C PHE A 176 -3.61 18.29 2.98
N VAL A 177 -4.75 18.88 3.32
CA VAL A 177 -5.98 18.71 2.55
C VAL A 177 -6.58 17.33 2.79
N GLY A 178 -5.77 16.29 2.56
CA GLY A 178 -6.22 14.92 2.71
C GLY A 178 -6.75 14.60 4.09
N THR A 179 -7.71 13.68 4.15
CA THR A 179 -8.27 13.22 5.41
C THR A 179 -7.56 11.93 5.83
N PRO A 180 -6.95 11.94 7.03
CA PRO A 180 -6.17 10.78 7.52
C PRO A 180 -7.07 9.65 8.01
N TYR A 181 -7.79 9.03 7.09
CA TYR A 181 -8.74 7.97 7.42
C TYR A 181 -8.13 6.82 8.23
N TYR A 182 -6.89 6.46 7.94
CA TYR A 182 -6.27 5.27 8.54
C TYR A 182 -5.38 5.54 9.75
N MET A 183 -5.44 6.76 10.28
CA MET A 183 -4.63 7.12 11.43
C MET A 183 -5.09 6.40 12.68
N SER A 184 -4.19 5.67 13.34
CA SER A 184 -4.56 4.90 14.53
C SER A 184 -4.72 5.77 15.77
N PRO A 185 -5.51 5.30 16.74
CA PRO A 185 -5.73 6.01 18.00
C PRO A 185 -4.41 6.48 18.64
N GLU A 186 -3.45 5.56 18.77
CA GLU A 186 -2.18 5.91 19.40
C GLU A 186 -1.36 6.89 18.55
N GLN A 187 -1.39 6.72 17.24
CA GLN A 187 -0.62 7.58 16.35
C GLN A 187 -1.18 9.00 16.29
N MET A 188 -2.44 9.18 16.67
CA MET A 188 -3.04 10.50 16.72
CA MET A 188 -3.03 10.51 16.71
C MET A 188 -2.71 11.22 18.03
N ASN A 189 -2.29 10.44 19.02
CA ASN A 189 -1.84 11.00 20.29
C ASN A 189 -0.36 11.37 20.22
N ARG A 190 0.44 10.47 19.65
CA ARG A 190 1.88 10.67 19.51
C ARG A 190 2.48 9.74 18.46
N MET A 191 2.94 10.29 17.35
CA MET A 191 3.52 9.50 16.27
C MET A 191 4.83 8.83 16.68
N SER A 192 4.79 7.50 16.81
CA SER A 192 5.97 6.74 17.19
C SER A 192 5.92 5.33 16.61
N TYR A 193 7.07 4.69 16.53
CA TYR A 193 7.16 3.34 15.99
C TYR A 193 6.31 2.36 16.80
N ASN A 194 5.41 1.67 16.10
CA ASN A 194 4.54 0.67 16.72
C ASN A 194 3.97 -0.21 15.61
N GLU A 195 4.39 -1.47 15.59
CA GLU A 195 3.96 -2.38 14.54
C GLU A 195 2.45 -2.66 14.60
N LYS A 196 1.85 -2.45 15.77
CA LYS A 196 0.42 -2.66 15.93
C LYS A 196 -0.34 -1.51 15.29
N SER A 197 0.34 -0.39 15.06
CA SER A 197 -0.30 0.71 14.36
C SER A 197 -0.47 0.34 12.90
N ASP A 198 0.45 -0.46 12.37
CA ASP A 198 0.35 -0.93 10.99
C ASP A 198 -0.83 -1.89 10.85
N ILE A 199 -1.07 -2.70 11.88
CA ILE A 199 -2.19 -3.63 11.87
C ILE A 199 -3.52 -2.86 11.85
N TRP A 200 -3.58 -1.76 12.59
CA TRP A 200 -4.77 -0.90 12.55
C TRP A 200 -5.02 -0.40 11.12
N SER A 201 -3.96 0.08 10.47
CA SER A 201 -4.08 0.60 9.09
C SER A 201 -4.51 -0.49 8.11
N LEU A 202 -3.96 -1.70 8.30
CA LEU A 202 -4.40 -2.83 7.48
C LEU A 202 -5.88 -3.13 7.72
N GLY A 203 -6.30 -3.11 8.98
CA GLY A 203 -7.70 -3.24 9.32
C GLY A 203 -8.56 -2.25 8.54
N CYS A 204 -8.11 -1.00 8.49
CA CYS A 204 -8.89 0.07 7.86
C CYS A 204 -8.99 -0.18 6.38
N LEU A 205 -7.87 -0.64 5.80
CA LEU A 205 -7.79 -0.89 4.39
C LEU A 205 -8.67 -2.08 4.02
N LEU A 206 -8.61 -3.15 4.80
CA LEU A 206 -9.46 -4.30 4.49
C LEU A 206 -10.92 -3.93 4.68
N TYR A 207 -11.21 -3.14 5.71
CA TYR A 207 -12.61 -2.72 5.95
C TYR A 207 -13.14 -2.00 4.72
N GLU A 208 -12.33 -1.10 4.19
CA GLU A 208 -12.75 -0.30 3.04
C GLU A 208 -12.92 -1.16 1.79
N LEU A 209 -12.05 -2.13 1.59
CA LEU A 209 -12.22 -3.06 0.50
C LEU A 209 -13.56 -3.76 0.56
N CYS A 210 -14.02 -4.10 1.77
CA CYS A 210 -15.30 -4.79 1.94
C CYS A 210 -16.49 -3.84 1.86
N ALA A 211 -16.42 -2.74 2.59
CA ALA A 211 -17.59 -1.89 2.75
C ALA A 211 -17.62 -0.85 1.63
N LEU A 212 -16.50 -0.72 0.92
CA LEU A 212 -16.30 0.29 -0.11
C LEU A 212 -16.33 1.70 0.47
N MET A 213 -16.12 1.77 1.79
CA MET A 213 -15.92 3.04 2.46
C MET A 213 -15.09 2.73 3.71
N PRO A 214 -14.33 3.72 4.20
CA PRO A 214 -13.47 3.56 5.39
C PRO A 214 -14.33 3.39 6.62
N PRO A 215 -13.79 2.78 7.69
CA PRO A 215 -14.65 2.51 8.85
C PRO A 215 -15.05 3.77 9.59
N PHE A 216 -14.21 4.79 9.52
CA PHE A 216 -14.47 6.07 10.19
C PHE A 216 -14.44 7.18 9.17
N THR A 217 -15.50 7.98 9.12
CA THR A 217 -15.55 9.11 8.21
C THR A 217 -16.02 10.36 8.93
N ALA A 218 -15.67 11.51 8.37
CA ALA A 218 -16.03 12.78 8.96
C ALA A 218 -15.66 13.86 7.98
N PHE A 219 -16.17 15.07 8.18
CA PHE A 219 -15.87 16.18 7.29
C PHE A 219 -14.71 17.03 7.80
N SER A 220 -14.44 16.93 9.09
CA SER A 220 -13.29 17.61 9.68
C SER A 220 -12.43 16.61 10.45
N GLN A 221 -11.16 16.93 10.65
CA GLN A 221 -10.26 16.04 11.37
C GLN A 221 -10.62 15.92 12.84
N LYS A 222 -11.20 16.98 13.42
CA LYS A 222 -11.60 16.92 14.82
C LYS A 222 -12.71 15.89 14.98
N GLU A 223 -13.68 15.94 14.07
CA GLU A 223 -14.79 15.00 14.09
CA GLU A 223 -14.79 14.99 14.06
C GLU A 223 -14.29 13.58 13.79
N LEU A 224 -13.36 13.46 12.84
CA LEU A 224 -12.75 12.17 12.52
C LEU A 224 -12.10 11.56 13.76
N ALA A 225 -11.33 12.38 14.47
CA ALA A 225 -10.60 11.91 15.65
C ALA A 225 -11.54 11.45 16.76
N GLY A 226 -12.63 12.17 16.97
CA GLY A 226 -13.64 11.75 17.92
C GLY A 226 -14.21 10.38 17.57
N LYS A 227 -14.43 10.11 16.28
CA LYS A 227 -14.96 8.82 15.84
C LYS A 227 -13.96 7.70 16.04
N ILE A 228 -12.74 7.93 15.59
CA ILE A 228 -11.67 6.96 15.77
C ILE A 228 -11.49 6.62 17.24
N ARG A 229 -11.58 7.62 18.10
CA ARG A 229 -11.47 7.43 19.55
C ARG A 229 -12.59 6.55 20.11
N GLU A 230 -13.79 6.70 19.56
CA GLU A 230 -14.93 5.91 20.04
C GLU A 230 -14.83 4.44 19.61
N GLY A 231 -14.17 4.20 18.49
CA GLY A 231 -13.88 2.85 18.04
C GLY A 231 -15.05 2.04 17.52
N LYS A 232 -16.15 2.72 17.16
CA LYS A 232 -17.35 2.08 16.64
C LYS A 232 -17.48 2.27 15.13
N PHE A 233 -18.01 1.28 14.43
CA PHE A 233 -18.18 1.33 12.98
C PHE A 233 -19.24 0.32 12.62
N ARG A 234 -19.79 0.42 11.41
CA ARG A 234 -20.77 -0.54 10.93
C ARG A 234 -20.09 -1.88 10.68
N ARG A 235 -20.83 -2.99 10.80
CA ARG A 235 -20.28 -4.28 10.38
C ARG A 235 -20.02 -4.22 8.88
N ILE A 236 -19.01 -4.93 8.39
CA ILE A 236 -18.88 -5.05 6.93
C ILE A 236 -20.13 -5.73 6.39
N PRO A 237 -20.39 -5.58 5.09
CA PRO A 237 -21.57 -6.20 4.48
C PRO A 237 -21.77 -7.70 4.81
N TYR A 238 -23.03 -8.08 4.96
CA TYR A 238 -23.42 -9.45 5.34
C TYR A 238 -23.00 -10.56 4.38
N ARG A 239 -22.67 -10.20 3.15
CA ARG A 239 -22.16 -11.19 2.20
C ARG A 239 -20.80 -11.73 2.63
N TYR A 240 -20.09 -10.97 3.48
CA TYR A 240 -18.81 -11.41 4.04
C TYR A 240 -19.02 -12.24 5.32
N SER A 241 -18.21 -13.27 5.47
CA SER A 241 -18.38 -14.22 6.58
C SER A 241 -18.11 -13.58 7.94
N ASP A 242 -18.73 -14.14 8.97
CA ASP A 242 -18.46 -13.76 10.35
C ASP A 242 -16.99 -13.82 10.71
N GLU A 243 -16.29 -14.79 10.14
CA GLU A 243 -14.87 -14.95 10.42
C GLU A 243 -14.03 -13.80 9.85
N LEU A 244 -14.35 -13.36 8.63
CA LEU A 244 -13.66 -12.20 8.06
C LEU A 244 -13.98 -10.96 8.88
N ASN A 245 -15.26 -10.77 9.17
CA ASN A 245 -15.65 -9.63 9.98
C ASN A 245 -14.91 -9.59 11.31
N GLU A 246 -14.79 -10.76 11.95
CA GLU A 246 -14.13 -10.87 13.24
C GLU A 246 -12.66 -10.44 13.21
N ILE A 247 -11.91 -10.91 12.22
CA ILE A 247 -10.50 -10.56 12.22
C ILE A 247 -10.27 -9.09 11.81
N ILE A 248 -11.03 -8.59 10.85
CA ILE A 248 -10.99 -7.15 10.59
C ILE A 248 -11.36 -6.33 11.85
N THR A 249 -12.42 -6.76 12.54
CA THR A 249 -12.83 -6.07 13.75
C THR A 249 -11.70 -6.11 14.80
N ARG A 250 -11.02 -7.26 14.95
CA ARG A 250 -9.88 -7.33 15.90
C ARG A 250 -8.76 -6.35 15.55
N MET A 251 -8.46 -6.17 14.27
CA MET A 251 -7.43 -5.22 13.83
C MET A 251 -7.79 -3.78 14.19
N LEU A 252 -9.08 -3.51 14.31
CA LEU A 252 -9.56 -2.17 14.62
C LEU A 252 -9.86 -2.02 16.14
N ASN A 253 -9.27 -2.88 16.97
CA ASN A 253 -9.40 -2.70 18.41
C ASN A 253 -8.70 -1.43 18.87
N LEU A 254 -9.35 -0.70 19.78
CA LEU A 254 -8.76 0.54 20.30
C LEU A 254 -7.42 0.32 21.00
N LYS A 255 -7.27 -0.84 21.64
CA LYS A 255 -6.02 -1.19 22.33
C LYS A 255 -5.06 -1.89 21.38
N ASP A 256 -3.89 -1.30 21.18
CA ASP A 256 -2.92 -1.92 20.27
C ASP A 256 -2.58 -3.35 20.67
N TYR A 257 -2.55 -3.63 21.97
CA TYR A 257 -2.23 -4.99 22.43
C TYR A 257 -3.32 -6.04 22.22
N HIS A 258 -4.55 -5.60 21.92
CA HIS A 258 -5.61 -6.55 21.55
C HIS A 258 -5.67 -6.87 20.06
N ARG A 259 -5.00 -6.07 19.23
CA ARG A 259 -4.93 -6.35 17.79
C ARG A 259 -4.03 -7.55 17.53
N PRO A 260 -4.40 -8.37 16.54
CA PRO A 260 -3.58 -9.55 16.28
C PRO A 260 -2.22 -9.20 15.68
N SER A 261 -1.20 -9.98 16.04
CA SER A 261 0.11 -9.82 15.42
C SER A 261 0.06 -10.31 13.98
N VAL A 262 1.11 -10.04 13.20
CA VAL A 262 1.26 -10.64 11.88
C VAL A 262 1.13 -12.15 11.99
N GLU A 263 1.86 -12.74 12.93
CA GLU A 263 1.81 -14.17 13.15
C GLU A 263 0.39 -14.67 13.45
N GLU A 264 -0.33 -13.95 14.30
CA GLU A 264 -1.68 -14.34 14.66
C GLU A 264 -2.66 -14.22 13.49
N ILE A 265 -2.44 -13.25 12.61
CA ILE A 265 -3.30 -13.11 11.43
C ILE A 265 -3.10 -14.31 10.49
N LEU A 266 -1.85 -14.67 10.24
CA LEU A 266 -1.54 -15.73 9.29
C LEU A 266 -1.96 -17.13 9.76
N GLU A 267 -2.08 -17.30 11.09
CA GLU A 267 -2.63 -18.53 11.66
C GLU A 267 -4.14 -18.66 11.44
N ASN A 268 -4.79 -17.60 11.01
CA ASN A 268 -6.24 -17.66 10.88
C ASN A 268 -6.68 -18.72 9.87
N PRO A 269 -7.67 -19.55 10.25
CA PRO A 269 -8.18 -20.61 9.38
C PRO A 269 -8.63 -20.13 8.01
N LEU A 270 -9.02 -18.86 7.87
CA LEU A 270 -9.38 -18.30 6.57
C LEU A 270 -8.24 -18.33 5.54
N ILE A 271 -7.01 -18.17 6.01
CA ILE A 271 -5.86 -18.03 5.12
C ILE A 271 -5.30 -19.37 4.67
N LEU A 272 -5.29 -19.58 3.35
CA LEU A 272 -4.87 -20.83 2.73
C LEU A 272 -3.77 -20.58 1.72
N GLU A 273 -3.18 -21.65 1.21
CA GLU A 273 -2.06 -21.53 0.25
C GLU A 273 -2.39 -20.66 -0.97
N HIS A 274 -3.56 -20.91 -1.57
CA HIS A 274 -3.97 -20.20 -2.78
C HIS A 274 -4.15 -18.68 -2.62
N HIS A 275 -4.28 -18.20 -1.39
CA HIS A 275 -4.39 -16.76 -1.13
C HIS A 275 -3.02 -16.07 -1.17
N HIS A 276 -1.95 -16.87 -1.18
CA HIS A 276 -0.60 -16.34 -1.17
C HIS A 276 -0.14 -16.06 -2.60
N HIS A 277 1.05 -15.51 -2.72
CA HIS A 277 1.57 -15.14 -4.04
C HIS A 277 1.89 -16.40 -4.87
N HIS A 278 1.72 -16.30 -6.19
CA HIS A 278 2.18 -17.33 -7.13
C HIS A 278 2.83 -16.70 -8.36
N HIS A 279 4.07 -17.09 -8.64
CA HIS A 279 4.77 -16.66 -9.85
C HIS A 279 4.06 -17.17 -11.10
O26 T3M B . 6.11 5.41 -6.22
C24 T3M B . 6.08 4.01 -6.27
O25 T3M B . 6.75 3.37 -5.52
C23 T3M B . 5.21 3.29 -7.29
C22 T3M B . 4.82 3.98 -8.50
C21 T3M B . 4.08 3.29 -9.48
C27 T3M B . 4.87 1.94 -7.11
C28 T3M B . 4.16 1.27 -8.06
C20 T3M B . 3.73 1.99 -9.29
C19 T3M B . 2.99 1.24 -10.39
N14 T3M B . 1.79 1.69 -10.82
C17 T3M B . 3.57 0.09 -11.01
N18 T3M B . 4.84 -0.43 -10.57
N16 T3M B . 2.92 -0.57 -11.99
C15 T3M B . 1.76 -0.13 -12.39
C13 T3M B . 1.19 1.09 -11.79
C12 T3M B . -0.19 1.55 -12.22
C4 T3M B . -0.86 0.93 -13.31
C11 T3M B . -0.80 2.55 -11.51
C8 T3M B . -2.16 3.00 -11.88
O9 T3M B . -2.81 4.01 -11.16
C10 T3M B . -2.12 4.71 -10.16
C5 T3M B . -2.79 2.41 -12.92
O6 T3M B . -4.07 2.84 -13.28
C7 T3M B . -5.16 2.37 -12.52
C3 T3M B . -2.18 1.38 -13.66
O2 T3M B . -2.88 0.75 -14.68
C1 T3M B . -2.20 -0.09 -15.57
CL CL C . -22.63 -1.02 -3.14
CL CL D . 4.89 -13.36 -6.96
CL CL E . -10.64 -7.84 -8.19
#